data_2RDU
#
_entry.id   2RDU
#
_cell.length_a   97.386
_cell.length_b   97.386
_cell.length_c   80.468
_cell.angle_alpha   90.000
_cell.angle_beta   90.000
_cell.angle_gamma   90.000
#
_symmetry.space_group_name_H-M   'I 4'
#
loop_
_entity.id
_entity.type
_entity.pdbx_description
1 polymer 'Hydroxyacid oxidase 1'
2 non-polymer 'FLAVIN MONONUCLEOTIDE'
3 non-polymer 'GLYOXYLIC ACID'
4 water water
#
_entity_poly.entity_id   1
_entity_poly.type   'polypeptide(L)'
_entity_poly.pdbx_seq_one_letter_code
;GSHMASMTGGQQMGRGSMLPRLICINDYEQHAKSVLPKSIYDYYRSGANDEETLADNIAAFSRWKLYPRMLRNVAETDLS
TSVLGQRVSMPICVGATAMQRMAHVDGELATVRACQSLGTGMMLSSWATSSIEEVAEAGPEALRWLQLYIYKDREVTKKL
VRQAEKMGYKAIFVTVDTPYLGNRLDDVRNRFKLPPQLRMKNFETSTLSFSPEENFGDDSGLAAYVAKAIDPSISWEDIK
WLRRLTSLPIVAKGILRGDDAREAVKHGLNGILVSNHGARQLDGVPATIDVLPEIVEAVEGKVEVFLDGGVRKGTDVLKA
LALGAKAVFVGRPIVWGLAFQGEKGVQDVLEILKEEFRLAMALSGCQNVKVIDKTLVRKNPLAVSKI
;
_entity_poly.pdbx_strand_id   A
#
# COMPACT_ATOMS: atom_id res chain seq x y z
N PRO A 20 -17.41 17.67 9.73
CA PRO A 20 -17.92 16.55 10.56
C PRO A 20 -16.86 15.88 11.42
N ARG A 21 -17.28 15.40 12.60
CA ARG A 21 -16.42 14.68 13.54
C ARG A 21 -16.26 13.21 13.16
N LEU A 22 -15.01 12.83 12.84
CA LEU A 22 -14.72 11.51 12.32
C LEU A 22 -13.72 10.92 13.28
N ILE A 23 -14.05 9.75 13.83
CA ILE A 23 -13.31 9.24 14.98
C ILE A 23 -12.72 7.86 14.75
N CYS A 24 -13.05 7.26 13.62
CA CYS A 24 -12.46 5.98 13.20
C CYS A 24 -12.34 5.95 11.68
N ILE A 25 -11.58 4.98 11.18
CA ILE A 25 -11.33 4.91 9.74
C ILE A 25 -12.65 4.82 8.91
N ASN A 26 -13.61 4.05 9.39
CA ASN A 26 -14.86 3.87 8.63
C ASN A 26 -15.54 5.21 8.43
N ASP A 27 -15.40 6.10 9.43
CA ASP A 27 -16.03 7.44 9.34
C ASP A 27 -15.50 8.21 8.14
N TYR A 28 -14.21 8.05 7.90
CA TYR A 28 -13.52 8.71 6.80
C TYR A 28 -14.03 8.22 5.46
N GLU A 29 -14.25 6.92 5.32
CA GLU A 29 -14.78 6.42 4.05
C GLU A 29 -16.16 7.01 3.80
N GLN A 30 -16.98 7.04 4.84
CA GLN A 30 -18.36 7.54 4.69
C GLN A 30 -18.39 8.99 4.22
N HIS A 31 -17.55 9.82 4.83
CA HIS A 31 -17.46 11.21 4.43
C HIS A 31 -16.94 11.34 3.00
N ALA A 32 -15.94 10.54 2.65
CA ALA A 32 -15.39 10.55 1.29
C ALA A 32 -16.47 10.30 0.25
N LYS A 33 -17.32 9.31 0.49
CA LYS A 33 -18.43 9.01 -0.43
C LYS A 33 -19.37 10.22 -0.60
N SER A 34 -19.50 11.02 0.45
CA SER A 34 -20.41 12.16 0.37
C SER A 34 -19.83 13.36 -0.40
N VAL A 35 -18.49 13.44 -0.50
CA VAL A 35 -17.85 14.60 -1.12
C VAL A 35 -17.12 14.34 -2.45
N LEU A 36 -16.79 13.07 -2.74
CA LEU A 36 -16.13 12.73 -4.00
C LEU A 36 -17.13 12.48 -5.12
N PRO A 37 -16.80 12.90 -6.34
CA PRO A 37 -17.61 12.51 -7.49
C PRO A 37 -17.65 10.98 -7.61
N LYS A 38 -18.80 10.45 -8.03
CA LYS A 38 -19.03 9.00 -8.09
C LYS A 38 -17.89 8.16 -8.72
N SER A 39 -17.43 8.57 -9.90
CA SER A 39 -16.45 7.78 -10.63
C SER A 39 -15.11 7.73 -9.87
N ILE A 40 -14.84 8.77 -9.08
CA ILE A 40 -13.59 8.82 -8.31
C ILE A 40 -13.70 7.96 -7.04
N TYR A 41 -14.80 8.14 -6.29
CA TYR A 41 -15.11 7.30 -5.16
C TYR A 41 -15.11 5.81 -5.56
N ASP A 42 -15.83 5.49 -6.64
CA ASP A 42 -15.91 4.12 -7.17
C ASP A 42 -14.53 3.55 -7.54
N TYR A 43 -13.71 4.34 -8.23
CA TYR A 43 -12.33 3.94 -8.52
C TYR A 43 -11.59 3.58 -7.24
N TYR A 44 -11.70 4.44 -6.24
CA TYR A 44 -10.99 4.23 -4.98
C TYR A 44 -11.52 3.03 -4.19
N ARG A 45 -12.85 2.87 -4.11
CA ARG A 45 -13.50 1.85 -3.27
C ARG A 45 -13.34 0.44 -3.89
N SER A 46 -13.45 0.36 -5.21
CA SER A 46 -13.71 -0.93 -5.88
C SER A 46 -12.70 -2.04 -5.65
N GLY A 47 -13.21 -3.26 -5.65
CA GLY A 47 -12.38 -4.46 -5.84
C GLY A 47 -12.67 -5.02 -7.22
N ALA A 48 -12.09 -6.18 -7.52
CA ALA A 48 -12.28 -6.83 -8.80
C ALA A 48 -13.58 -7.65 -8.83
N ASN A 49 -14.29 -7.58 -9.97
CA ASN A 49 -15.45 -8.48 -10.23
C ASN A 49 -16.51 -8.41 -9.13
N ASP A 50 -16.85 -9.54 -8.53
CA ASP A 50 -17.87 -9.56 -7.46
C ASP A 50 -17.36 -9.09 -6.10
N GLU A 51 -16.07 -8.73 -6.01
CA GLU A 51 -15.53 -8.19 -4.75
C GLU A 51 -15.62 -9.14 -3.52
N GLU A 52 -15.44 -10.44 -3.77
CA GLU A 52 -15.41 -11.47 -2.71
C GLU A 52 -14.20 -11.26 -1.79
N THR A 53 -13.03 -11.09 -2.40
CA THR A 53 -11.79 -10.83 -1.65
C THR A 53 -11.84 -9.46 -0.91
N LEU A 54 -12.47 -8.46 -1.52
CA LEU A 54 -12.59 -7.14 -0.88
C LEU A 54 -13.29 -7.29 0.49
N ALA A 55 -14.40 -8.04 0.51
CA ALA A 55 -15.14 -8.27 1.74
C ALA A 55 -14.27 -9.11 2.71
N ASP A 56 -13.60 -10.11 2.14
CA ASP A 56 -12.80 -11.05 2.94
C ASP A 56 -11.60 -10.39 3.59
N ASN A 57 -10.96 -9.44 2.91
CA ASN A 57 -9.81 -8.74 3.50
C ASN A 57 -10.13 -8.19 4.90
N ILE A 58 -11.36 -7.73 5.04
CA ILE A 58 -11.87 -7.21 6.30
C ILE A 58 -12.43 -8.30 7.24
N ALA A 59 -13.26 -9.19 6.69
CA ALA A 59 -13.87 -10.28 7.48
C ALA A 59 -12.83 -11.15 8.12
N ALA A 60 -11.76 -11.43 7.38
CA ALA A 60 -10.71 -12.33 7.87
C ALA A 60 -10.06 -11.82 9.16
N PHE A 61 -9.91 -10.50 9.28
CA PHE A 61 -9.32 -9.92 10.49
C PHE A 61 -10.20 -10.22 11.69
N SER A 62 -11.51 -10.20 11.47
CA SER A 62 -12.46 -10.46 12.56
CA SER A 62 -12.49 -10.46 12.53
C SER A 62 -12.45 -11.91 13.04
N ARG A 63 -12.04 -12.85 12.17
CA ARG A 63 -11.96 -14.27 12.53
C ARG A 63 -10.75 -14.59 13.42
N TRP A 64 -9.70 -13.78 13.31
CA TRP A 64 -8.55 -13.93 14.17
C TRP A 64 -8.85 -13.28 15.52
N LYS A 65 -8.92 -14.09 16.57
CA LYS A 65 -9.31 -13.60 17.90
C LYS A 65 -8.08 -13.33 18.75
N LEU A 66 -8.17 -12.33 19.62
CA LEU A 66 -7.05 -11.90 20.46
C LEU A 66 -7.10 -12.51 21.86
N TYR A 67 -5.92 -12.90 22.37
CA TYR A 67 -5.81 -13.50 23.69
C TYR A 67 -4.87 -12.64 24.54
N PRO A 68 -5.42 -11.55 25.10
CA PRO A 68 -4.56 -10.56 25.75
C PRO A 68 -3.95 -11.07 27.06
N ARG A 69 -2.72 -10.64 27.35
CA ARG A 69 -2.13 -10.85 28.66
C ARG A 69 -2.47 -9.63 29.51
N MET A 70 -2.73 -9.90 30.80
CA MET A 70 -3.03 -8.86 31.79
C MET A 70 -1.80 -8.59 32.69
N LEU A 71 -1.82 -7.43 33.36
CA LEU A 71 -0.86 -7.13 34.43
C LEU A 71 0.61 -7.16 33.95
N ARG A 72 0.86 -6.58 32.78
CA ARG A 72 2.19 -6.56 32.17
C ARG A 72 2.93 -5.24 32.31
N ASN A 73 2.30 -4.25 32.92
CA ASN A 73 2.87 -2.90 32.98
C ASN A 73 2.97 -2.25 31.60
N VAL A 74 1.93 -1.51 31.22
CA VAL A 74 1.85 -0.92 29.89
C VAL A 74 1.77 0.62 29.97
N ALA A 75 2.29 1.17 31.06
CA ALA A 75 2.41 2.63 31.21
C ALA A 75 3.21 3.29 30.06
N GLU A 76 4.18 2.58 29.49
CA GLU A 76 5.09 3.23 28.56
C GLU A 76 5.21 2.55 27.21
N THR A 77 4.12 2.54 26.43
CA THR A 77 4.07 1.75 25.21
C THR A 77 4.92 2.38 24.08
N ASP A 78 5.81 1.59 23.52
CA ASP A 78 6.73 2.03 22.49
C ASP A 78 6.31 1.37 21.17
N LEU A 79 5.83 2.19 20.24
CA LEU A 79 5.30 1.68 18.97
C LEU A 79 6.35 1.60 17.86
N SER A 80 7.57 2.06 18.17
CA SER A 80 8.58 2.25 17.13
C SER A 80 9.11 0.89 16.64
N THR A 81 9.57 0.88 15.40
CA THR A 81 10.13 -0.32 14.79
C THR A 81 11.00 0.16 13.62
N SER A 82 11.37 -0.77 12.74
CA SER A 82 12.15 -0.42 11.57
C SER A 82 11.60 -1.22 10.38
N VAL A 83 11.74 -0.65 9.19
CA VAL A 83 11.36 -1.31 7.96
C VAL A 83 12.61 -1.28 7.09
N LEU A 84 13.14 -2.46 6.75
CA LEU A 84 14.33 -2.58 5.88
C LEU A 84 15.50 -1.75 6.43
N GLY A 85 15.69 -1.79 7.74
CA GLY A 85 16.77 -1.09 8.40
C GLY A 85 16.56 0.39 8.70
N GLN A 86 15.39 0.94 8.35
CA GLN A 86 15.07 2.35 8.59
C GLN A 86 14.03 2.47 9.72
N ARG A 87 14.37 3.26 10.74
CA ARG A 87 13.50 3.46 11.88
C ARG A 87 12.16 4.12 11.49
N VAL A 88 11.04 3.59 12.00
CA VAL A 88 9.73 4.25 11.86
C VAL A 88 9.05 4.41 13.24
N SER A 89 8.15 5.39 13.36
CA SER A 89 7.46 5.65 14.64
C SER A 89 6.40 4.59 15.02
N MET A 90 5.96 3.81 14.03
CA MET A 90 4.93 2.80 14.25
C MET A 90 5.01 1.81 13.09
N PRO A 91 4.53 0.57 13.30
CA PRO A 91 4.59 -0.43 12.22
C PRO A 91 3.39 -0.29 11.25
N ILE A 92 3.10 0.95 10.85
CA ILE A 92 1.93 1.33 10.08
C ILE A 92 2.42 2.38 9.07
N CYS A 93 2.43 1.98 7.80
CA CYS A 93 3.03 2.79 6.75
C CYS A 93 2.00 3.02 5.62
N VAL A 94 2.31 3.97 4.76
CA VAL A 94 1.42 4.36 3.69
C VAL A 94 1.75 3.56 2.44
N GLY A 95 0.76 2.79 1.99
CA GLY A 95 0.87 2.00 0.76
C GLY A 95 0.60 2.80 -0.51
N ALA A 96 1.14 2.34 -1.64
CA ALA A 96 0.94 3.02 -2.93
C ALA A 96 -0.53 3.02 -3.38
N THR A 97 -1.06 4.21 -3.61
CA THR A 97 -2.39 4.37 -4.19
C THR A 97 -2.32 5.40 -5.29
N ALA A 98 -2.56 4.96 -6.53
CA ALA A 98 -2.41 5.81 -7.72
C ALA A 98 -3.26 7.07 -7.65
N MET A 99 -2.77 8.14 -8.28
CA MET A 99 -3.64 9.26 -8.65
C MET A 99 -4.36 9.91 -7.47
N GLN A 100 -3.59 10.27 -6.45
CA GLN A 100 -4.12 10.84 -5.22
C GLN A 100 -4.68 12.25 -5.36
N ARG A 101 -4.27 12.98 -6.41
CA ARG A 101 -4.83 14.33 -6.62
C ARG A 101 -6.31 14.35 -6.99
N MET A 102 -6.88 13.18 -7.31
CA MET A 102 -8.32 13.11 -7.56
C MET A 102 -9.09 13.33 -6.25
N ALA A 103 -8.47 12.92 -5.14
CA ALA A 103 -9.06 13.00 -3.80
C ALA A 103 -8.94 14.38 -3.17
N HIS A 104 -7.87 15.08 -3.50
CA HIS A 104 -7.57 16.39 -2.91
C HIS A 104 -6.55 17.08 -3.82
N VAL A 105 -6.65 18.40 -3.97
CA VAL A 105 -5.74 19.14 -4.85
CA VAL A 105 -5.74 19.16 -4.83
C VAL A 105 -4.25 18.86 -4.62
N ASP A 106 -3.85 18.67 -3.35
CA ASP A 106 -2.44 18.45 -3.01
C ASP A 106 -1.96 17.00 -3.16
N GLY A 107 -2.91 16.08 -3.31
CA GLY A 107 -2.62 14.64 -3.46
C GLY A 107 -1.41 14.11 -2.70
N GLU A 108 -0.44 13.57 -3.46
CA GLU A 108 0.77 12.92 -2.94
C GLU A 108 1.64 13.85 -2.06
N LEU A 109 1.64 15.14 -2.37
CA LEU A 109 2.38 16.14 -1.58
C LEU A 109 1.80 16.25 -0.17
N ALA A 110 0.48 16.27 -0.07
CA ALA A 110 -0.17 16.25 1.24
C ALA A 110 0.19 14.98 2.00
N THR A 111 0.14 13.86 1.27
CA THR A 111 0.40 12.55 1.86
C THR A 111 1.81 12.49 2.44
N VAL A 112 2.81 12.90 1.65
CA VAL A 112 4.19 12.80 2.14
C VAL A 112 4.44 13.72 3.34
N ARG A 113 3.81 14.90 3.35
CA ARG A 113 3.92 15.84 4.46
C ARG A 113 3.36 15.22 5.75
N ALA A 114 2.22 14.53 5.64
CA ALA A 114 1.61 13.85 6.79
C ALA A 114 2.52 12.72 7.32
N CYS A 115 3.14 11.99 6.40
CA CYS A 115 4.06 10.92 6.76
C CYS A 115 5.27 11.49 7.48
N GLN A 116 5.79 12.62 6.99
CA GLN A 116 6.93 13.29 7.61
C GLN A 116 6.58 13.68 9.05
N SER A 117 5.43 14.31 9.25
CA SER A 117 4.91 14.63 10.59
C SER A 117 4.81 13.42 11.54
N LEU A 118 4.26 12.32 11.03
CA LEU A 118 4.05 11.09 11.80
C LEU A 118 5.33 10.31 12.11
N GLY A 119 6.38 10.56 11.33
CA GLY A 119 7.58 9.74 11.39
C GLY A 119 7.40 8.34 10.82
N THR A 120 6.51 8.21 9.84
CA THR A 120 6.38 6.93 9.12
C THR A 120 6.68 7.08 7.61
N GLY A 121 6.69 5.95 6.90
CA GLY A 121 7.12 5.92 5.50
C GLY A 121 5.98 6.01 4.51
N MET A 122 6.25 6.57 3.34
CA MET A 122 5.29 6.59 2.25
C MET A 122 5.80 5.80 1.07
N MET A 123 5.00 4.84 0.60
CA MET A 123 5.30 4.13 -0.63
C MET A 123 4.56 4.86 -1.77
N LEU A 124 5.33 5.41 -2.69
CA LEU A 124 4.84 6.24 -3.77
C LEU A 124 4.52 5.40 -5.02
N SER A 125 3.28 5.50 -5.47
CA SER A 125 2.84 4.80 -6.68
C SER A 125 3.65 5.26 -7.92
N SER A 126 4.01 4.33 -8.81
CA SER A 126 4.45 4.72 -10.17
C SER A 126 3.40 5.55 -10.95
N TRP A 127 2.11 5.37 -10.61
CA TRP A 127 0.99 6.11 -11.25
C TRP A 127 0.49 7.28 -10.41
N ALA A 128 1.44 7.95 -9.76
CA ALA A 128 1.14 9.12 -8.93
C ALA A 128 0.81 10.31 -9.81
N THR A 129 -0.05 11.19 -9.30
CA THR A 129 -0.38 12.45 -9.94
C THR A 129 0.61 13.57 -9.52
N SER A 130 1.71 13.15 -8.91
CA SER A 130 2.84 14.03 -8.56
C SER A 130 4.13 13.28 -8.90
N SER A 131 5.14 14.00 -9.36
CA SER A 131 6.42 13.36 -9.72
C SER A 131 7.22 12.87 -8.49
N ILE A 132 8.06 11.86 -8.73
CA ILE A 132 9.09 11.42 -7.77
C ILE A 132 9.85 12.61 -7.15
N GLU A 133 10.30 13.54 -8.00
CA GLU A 133 11.00 14.74 -7.52
C GLU A 133 10.09 15.67 -6.70
N GLU A 134 8.85 15.89 -7.16
CA GLU A 134 7.91 16.75 -6.46
C GLU A 134 7.69 16.22 -5.04
N VAL A 135 7.50 14.90 -4.95
CA VAL A 135 7.26 14.26 -3.67
C VAL A 135 8.47 14.36 -2.72
N ALA A 136 9.67 14.09 -3.23
CA ALA A 136 10.91 14.27 -2.44
C ALA A 136 11.10 15.72 -1.93
N GLU A 137 10.72 16.70 -2.74
CA GLU A 137 10.77 18.13 -2.35
C GLU A 137 9.78 18.49 -1.23
N ALA A 138 8.59 17.91 -1.30
CA ALA A 138 7.55 18.19 -0.32
C ALA A 138 7.80 17.48 1.02
N GLY A 139 8.42 16.30 0.97
CA GLY A 139 8.79 15.58 2.20
C GLY A 139 10.23 15.11 2.23
N PRO A 140 11.20 16.06 2.26
CA PRO A 140 12.63 15.68 2.18
C PRO A 140 13.12 14.75 3.33
N GLU A 141 12.61 14.98 4.54
CA GLU A 141 12.99 14.19 5.72
C GLU A 141 12.17 12.91 5.93
N ALA A 142 11.04 12.79 5.21
CA ALA A 142 10.16 11.63 5.27
C ALA A 142 10.85 10.38 4.70
N LEU A 143 10.64 9.23 5.35
CA LEU A 143 11.01 7.93 4.79
C LEU A 143 10.12 7.69 3.56
N ARG A 144 10.75 7.46 2.40
CA ARG A 144 10.06 7.34 1.12
C ARG A 144 10.57 6.13 0.36
N TRP A 145 9.63 5.37 -0.22
CA TRP A 145 9.95 4.28 -1.11
C TRP A 145 9.20 4.43 -2.43
N LEU A 146 9.77 3.84 -3.48
CA LEU A 146 9.10 3.84 -4.76
C LEU A 146 8.45 2.50 -5.04
N GLN A 147 7.14 2.54 -5.33
CA GLN A 147 6.44 1.39 -5.90
C GLN A 147 6.62 1.42 -7.41
N LEU A 148 7.18 0.35 -7.93
CA LEU A 148 7.56 0.27 -9.33
C LEU A 148 6.65 -0.68 -10.09
N TYR A 149 6.15 -0.23 -11.23
CA TYR A 149 5.58 -1.14 -12.23
C TYR A 149 6.61 -1.30 -13.34
N ILE A 150 6.78 -2.55 -13.80
CA ILE A 150 7.63 -2.84 -14.94
C ILE A 150 6.94 -2.49 -16.27
N TYR A 151 7.39 -1.39 -16.85
CA TYR A 151 6.92 -0.96 -18.17
C TYR A 151 7.51 -1.80 -19.31
N LYS A 152 6.70 -2.01 -20.37
CA LYS A 152 7.24 -2.61 -21.60
C LYS A 152 8.52 -1.87 -22.01
N ASP A 153 8.48 -0.54 -21.89
CA ASP A 153 9.65 0.30 -22.11
C ASP A 153 10.56 0.23 -20.87
N ARG A 154 11.64 -0.51 -20.98
CA ARG A 154 12.57 -0.67 -19.85
C ARG A 154 13.38 0.59 -19.53
N GLU A 155 13.50 1.49 -20.50
CA GLU A 155 14.19 2.75 -20.25
C GLU A 155 13.33 3.66 -19.35
N VAL A 156 12.03 3.68 -19.59
CA VAL A 156 11.08 4.33 -18.69
C VAL A 156 11.25 3.77 -17.26
N THR A 157 11.25 2.44 -17.16
CA THR A 157 11.36 1.72 -15.90
C THR A 157 12.66 2.05 -15.18
N LYS A 158 13.77 1.94 -15.91
CA LYS A 158 15.07 2.31 -15.41
C LYS A 158 15.07 3.76 -14.90
N LYS A 159 14.48 4.68 -15.66
CA LYS A 159 14.48 6.09 -15.28
C LYS A 159 13.81 6.30 -13.92
N LEU A 160 12.68 5.63 -13.74
CA LEU A 160 11.95 5.68 -12.47
C LEU A 160 12.84 5.25 -11.30
N VAL A 161 13.54 4.13 -11.46
CA VAL A 161 14.45 3.60 -10.45
C VAL A 161 15.60 4.57 -10.17
N ARG A 162 16.23 5.06 -11.23
CA ARG A 162 17.35 5.98 -11.09
C ARG A 162 16.92 7.27 -10.39
N GLN A 163 15.71 7.75 -10.73
CA GLN A 163 15.15 8.94 -10.09
C GLN A 163 14.91 8.76 -8.58
N ALA A 164 14.33 7.61 -8.25
CA ALA A 164 14.14 7.19 -6.85
C ALA A 164 15.46 7.20 -6.08
N GLU A 165 16.51 6.66 -6.67
CA GLU A 165 17.83 6.63 -6.03
C GLU A 165 18.35 8.06 -5.84
N LYS A 166 18.24 8.86 -6.90
CA LYS A 166 18.74 10.23 -6.89
C LYS A 166 18.03 11.05 -5.80
N MET A 167 16.71 10.83 -5.68
CA MET A 167 15.85 11.65 -4.85
C MET A 167 15.67 11.12 -3.41
N GLY A 168 16.55 10.21 -3.00
CA GLY A 168 16.61 9.77 -1.61
C GLY A 168 15.52 8.81 -1.17
N TYR A 169 14.97 8.04 -2.11
CA TYR A 169 14.02 6.96 -1.80
C TYR A 169 14.83 5.75 -1.33
N LYS A 170 14.32 5.01 -0.34
CA LYS A 170 15.12 4.00 0.36
C LYS A 170 14.88 2.53 -0.06
N ALA A 171 13.88 2.31 -0.92
CA ALA A 171 13.60 0.96 -1.37
C ALA A 171 12.69 0.98 -2.58
N ILE A 172 12.69 -0.14 -3.31
CA ILE A 172 11.79 -0.34 -4.44
C ILE A 172 10.81 -1.45 -4.06
N PHE A 173 9.53 -1.12 -4.10
CA PHE A 173 8.46 -2.13 -3.98
C PHE A 173 8.03 -2.48 -5.39
N VAL A 174 8.53 -3.59 -5.90
CA VAL A 174 8.13 -4.03 -7.24
C VAL A 174 6.82 -4.83 -7.18
N THR A 175 5.79 -4.28 -7.85
CA THR A 175 4.47 -4.90 -7.90
C THR A 175 4.47 -6.03 -8.92
N VAL A 176 4.13 -7.22 -8.46
CA VAL A 176 4.24 -8.44 -9.28
C VAL A 176 2.92 -9.17 -9.60
N ASP A 177 1.80 -8.56 -9.21
CA ASP A 177 0.47 -9.17 -9.36
C ASP A 177 -0.37 -8.48 -10.44
N THR A 178 0.28 -7.66 -11.28
CA THR A 178 -0.46 -6.80 -12.24
C THR A 178 0.09 -6.92 -13.69
N PRO A 179 0.15 -8.15 -14.22
CA PRO A 179 0.54 -8.23 -15.64
C PRO A 179 -0.50 -7.58 -16.55
N TYR A 180 -1.75 -7.62 -16.11
CA TYR A 180 -2.90 -6.91 -16.67
C TYR A 180 -3.65 -6.33 -15.47
N LEU A 181 -4.49 -5.33 -15.72
CA LEU A 181 -5.31 -4.78 -14.68
C LEU A 181 -6.46 -5.72 -14.34
N GLY A 182 -6.76 -5.82 -13.05
CA GLY A 182 -7.99 -6.45 -12.63
C GLY A 182 -9.21 -5.77 -13.24
N ASN A 183 -10.28 -6.54 -13.33
CA ASN A 183 -11.55 -6.07 -13.89
C ASN A 183 -12.43 -5.44 -12.79
N ARG A 184 -12.40 -4.10 -12.68
CA ARG A 184 -13.20 -3.42 -11.63
C ARG A 184 -14.47 -2.91 -12.29
N LEU A 185 -15.59 -3.56 -11.94
CA LEU A 185 -16.84 -3.38 -12.68
C LEU A 185 -17.31 -1.92 -12.76
N ASP A 186 -17.27 -1.22 -11.63
CA ASP A 186 -17.65 0.17 -11.58
C ASP A 186 -16.82 1.02 -12.57
N ASP A 187 -15.49 0.82 -12.59
CA ASP A 187 -14.61 1.55 -13.52
C ASP A 187 -15.03 1.37 -15.01
N VAL A 188 -15.40 0.13 -15.35
CA VAL A 188 -15.91 -0.18 -16.67
C VAL A 188 -17.18 0.62 -16.91
N ARG A 189 -18.12 0.55 -15.96
CA ARG A 189 -19.41 1.29 -16.09
C ARG A 189 -19.22 2.81 -16.23
N ASN A 190 -18.38 3.38 -15.35
CA ASN A 190 -18.13 4.82 -15.32
C ASN A 190 -17.16 5.28 -16.42
N ARG A 191 -16.62 4.32 -17.18
CA ARG A 191 -15.52 4.60 -18.12
C ARG A 191 -14.42 5.43 -17.45
N PHE A 192 -13.86 4.89 -16.38
CA PHE A 192 -12.97 5.66 -15.51
C PHE A 192 -11.79 6.29 -16.29
N LYS A 193 -11.50 7.55 -15.95
CA LYS A 193 -10.36 8.27 -16.52
C LYS A 193 -9.98 9.38 -15.54
N LEU A 194 -8.77 9.91 -15.70
CA LEU A 194 -8.33 11.06 -14.92
C LEU A 194 -9.22 12.28 -15.19
N PRO A 195 -9.49 13.08 -14.14
CA PRO A 195 -10.03 14.42 -14.40
C PRO A 195 -9.11 15.24 -15.31
N PRO A 196 -9.70 16.20 -16.05
CA PRO A 196 -9.03 16.91 -17.15
C PRO A 196 -7.72 17.60 -16.74
N GLN A 197 -7.67 18.12 -15.51
CA GLN A 197 -6.53 18.96 -15.10
C GLN A 197 -5.33 18.14 -14.58
N LEU A 198 -5.45 16.80 -14.60
CA LEU A 198 -4.50 15.90 -13.91
C LEU A 198 -3.77 14.95 -14.87
N ARG A 199 -2.55 14.54 -14.48
CA ARG A 199 -1.74 13.53 -15.20
C ARG A 199 -1.00 12.59 -14.24
N MET A 200 -0.58 11.44 -14.76
CA MET A 200 0.46 10.63 -14.12
C MET A 200 1.78 11.35 -14.40
N LYS A 201 2.27 12.05 -13.38
CA LYS A 201 3.34 13.03 -13.56
C LYS A 201 4.77 12.49 -13.67
N ASN A 202 4.94 11.17 -13.60
CA ASN A 202 6.27 10.60 -13.81
C ASN A 202 6.69 10.42 -15.27
N PHE A 203 5.76 10.69 -16.20
CA PHE A 203 5.95 10.34 -17.60
C PHE A 203 5.85 11.53 -18.54
N GLU A 204 6.43 11.35 -19.73
CA GLU A 204 6.68 12.45 -20.66
C GLU A 204 5.98 12.28 -22.02
N THR A 205 5.00 11.37 -22.11
CA THR A 205 4.15 11.28 -23.30
C THR A 205 2.67 11.19 -22.91
N SER A 206 1.80 11.58 -23.85
CA SER A 206 0.36 11.58 -23.64
C SER A 206 -0.18 10.23 -23.17
N THR A 207 0.27 9.16 -23.82
CA THR A 207 -0.14 7.79 -23.42
C THR A 207 0.34 7.42 -22.02
N LEU A 208 1.67 7.50 -21.81
CA LEU A 208 2.25 7.06 -20.55
C LEU A 208 1.81 7.91 -19.34
N SER A 209 1.53 9.19 -19.59
CA SER A 209 0.97 10.05 -18.55
C SER A 209 -0.55 9.90 -18.35
N PHE A 210 -1.19 8.98 -19.07
CA PHE A 210 -2.62 8.65 -18.88
C PHE A 210 -3.50 9.89 -19.14
N SER A 211 -3.17 10.67 -20.17
CA SER A 211 -3.94 11.86 -20.50
C SER A 211 -5.41 11.50 -20.77
N PRO A 212 -6.35 12.18 -20.07
CA PRO A 212 -7.77 11.90 -20.28
C PRO A 212 -8.26 12.34 -21.66
N GLU A 213 -7.40 13.04 -22.40
CA GLU A 213 -7.69 13.45 -23.77
C GLU A 213 -7.27 12.37 -24.77
N GLU A 214 -6.69 11.29 -24.25
CA GLU A 214 -6.18 10.19 -25.08
C GLU A 214 -7.19 9.05 -25.29
N ASN A 215 -7.05 8.35 -26.40
CA ASN A 215 -7.88 7.18 -26.69
C ASN A 215 -7.47 6.00 -25.81
N PHE A 216 -8.30 5.69 -24.82
CA PHE A 216 -8.10 4.53 -23.95
C PHE A 216 -9.34 3.61 -23.97
N GLY A 217 -9.94 3.50 -25.15
CA GLY A 217 -11.05 2.58 -25.40
C GLY A 217 -12.37 3.01 -24.77
N ASP A 218 -13.33 2.09 -24.76
CA ASP A 218 -14.70 2.41 -24.37
C ASP A 218 -15.08 1.82 -23.01
N ASP A 219 -14.11 1.21 -22.33
CA ASP A 219 -14.33 0.52 -21.07
C ASP A 219 -13.57 1.26 -19.94
N SER A 220 -12.85 0.56 -19.06
CA SER A 220 -12.03 1.29 -18.06
C SER A 220 -10.78 1.90 -18.71
N GLY A 221 -10.62 3.23 -18.59
CA GLY A 221 -9.41 3.87 -19.12
C GLY A 221 -8.13 3.29 -18.53
N LEU A 222 -8.15 3.02 -17.23
CA LEU A 222 -6.98 2.45 -16.57
C LEU A 222 -6.65 1.03 -17.08
N ALA A 223 -7.66 0.18 -17.31
CA ALA A 223 -7.37 -1.17 -17.84
C ALA A 223 -6.68 -1.07 -19.21
N ALA A 224 -7.20 -0.19 -20.08
CA ALA A 224 -6.60 0.11 -21.38
C ALA A 224 -5.17 0.67 -21.26
N TYR A 225 -4.95 1.55 -20.27
CA TYR A 225 -3.63 2.14 -20.04
C TYR A 225 -2.61 1.04 -19.71
N VAL A 226 -2.97 0.17 -18.77
CA VAL A 226 -2.11 -0.95 -18.40
C VAL A 226 -1.81 -1.82 -19.63
N ALA A 227 -2.84 -2.16 -20.40
CA ALA A 227 -2.64 -3.02 -21.58
C ALA A 227 -1.63 -2.38 -22.56
N LYS A 228 -1.66 -1.05 -22.67
CA LYS A 228 -0.75 -0.35 -23.58
C LYS A 228 0.67 -0.20 -23.03
N ALA A 229 0.77 0.01 -21.71
CA ALA A 229 2.01 0.47 -21.09
C ALA A 229 2.77 -0.59 -20.27
N ILE A 230 2.04 -1.48 -19.61
CA ILE A 230 2.62 -2.41 -18.65
C ILE A 230 2.91 -3.78 -19.27
N ASP A 231 4.04 -4.39 -18.90
CA ASP A 231 4.52 -5.59 -19.59
C ASP A 231 3.92 -6.90 -19.00
N PRO A 232 3.01 -7.57 -19.73
CA PRO A 232 2.41 -8.82 -19.22
C PRO A 232 3.37 -10.02 -19.25
N SER A 233 4.51 -9.87 -19.92
CA SER A 233 5.54 -10.91 -20.02
C SER A 233 6.48 -11.01 -18.82
N ILE A 234 6.32 -10.09 -17.87
CA ILE A 234 7.12 -10.01 -16.62
C ILE A 234 7.35 -11.39 -16.00
N SER A 235 8.62 -11.75 -15.85
CA SER A 235 9.02 -13.04 -15.27
C SER A 235 10.05 -12.85 -14.15
N TRP A 236 10.51 -13.97 -13.59
CA TRP A 236 11.61 -13.97 -12.62
C TRP A 236 12.92 -13.45 -13.22
N GLU A 237 13.08 -13.60 -14.54
CA GLU A 237 14.21 -13.03 -15.29
C GLU A 237 14.23 -11.51 -15.15
N ASP A 238 13.05 -10.91 -15.19
CA ASP A 238 12.91 -9.47 -14.97
C ASP A 238 13.23 -9.03 -13.55
N ILE A 239 12.90 -9.89 -12.59
CA ILE A 239 13.34 -9.68 -11.22
C ILE A 239 14.87 -9.70 -11.16
N LYS A 240 15.48 -10.69 -11.81
CA LYS A 240 16.96 -10.75 -11.95
C LYS A 240 17.53 -9.43 -12.51
N TRP A 241 16.93 -8.93 -13.60
CA TRP A 241 17.32 -7.66 -14.18
C TRP A 241 17.22 -6.52 -13.17
N LEU A 242 16.08 -6.42 -12.50
CA LEU A 242 15.87 -5.40 -11.47
C LEU A 242 16.90 -5.48 -10.34
N ARG A 243 17.18 -6.70 -9.87
CA ARG A 243 18.13 -6.92 -8.77
C ARG A 243 19.57 -6.51 -9.14
N ARG A 244 19.90 -6.59 -10.43
CA ARG A 244 21.19 -6.13 -10.96
C ARG A 244 21.22 -4.62 -11.21
N LEU A 245 20.05 -4.05 -11.48
CA LEU A 245 19.87 -2.65 -11.83
C LEU A 245 20.13 -1.70 -10.67
N THR A 246 19.66 -2.08 -9.48
CA THR A 246 19.76 -1.22 -8.31
C THR A 246 20.30 -1.97 -7.11
N SER A 247 21.09 -1.28 -6.29
CA SER A 247 21.46 -1.83 -4.99
C SER A 247 20.48 -1.44 -3.87
N LEU A 248 19.45 -0.65 -4.16
CA LEU A 248 18.41 -0.34 -3.16
C LEU A 248 17.72 -1.64 -2.70
N PRO A 249 17.25 -1.69 -1.43
CA PRO A 249 16.42 -2.84 -1.09
C PRO A 249 15.22 -2.99 -2.05
N ILE A 250 14.90 -4.23 -2.35
CA ILE A 250 13.76 -4.54 -3.22
C ILE A 250 12.78 -5.45 -2.51
N VAL A 251 11.51 -5.06 -2.49
CA VAL A 251 10.44 -5.85 -1.90
C VAL A 251 9.50 -6.32 -3.01
N ALA A 252 9.25 -7.63 -3.05
CA ALA A 252 8.22 -8.20 -3.94
C ALA A 252 6.83 -7.94 -3.36
N LYS A 253 6.06 -7.12 -4.07
CA LYS A 253 4.72 -6.74 -3.62
C LYS A 253 3.65 -7.46 -4.44
N GLY A 254 2.81 -8.21 -3.74
CA GLY A 254 1.72 -8.96 -4.37
C GLY A 254 1.85 -10.47 -4.32
N ILE A 255 2.84 -10.98 -3.59
CA ILE A 255 3.03 -12.43 -3.39
C ILE A 255 1.92 -13.00 -2.51
N LEU A 256 1.37 -14.15 -2.92
CA LEU A 256 0.33 -14.84 -2.14
C LEU A 256 0.63 -16.31 -1.82
N ARG A 257 1.75 -16.83 -2.33
CA ARG A 257 2.11 -18.25 -2.19
C ARG A 257 3.46 -18.35 -1.54
N GLY A 258 3.62 -19.35 -0.67
CA GLY A 258 4.93 -19.64 -0.08
C GLY A 258 6.01 -19.98 -1.09
N ASP A 259 5.67 -20.74 -2.14
CA ASP A 259 6.69 -21.09 -3.16
C ASP A 259 7.21 -19.83 -3.89
N ASP A 260 6.32 -18.91 -4.24
CA ASP A 260 6.78 -17.65 -4.85
C ASP A 260 7.63 -16.82 -3.87
N ALA A 261 7.22 -16.82 -2.59
CA ALA A 261 7.99 -16.18 -1.52
C ALA A 261 9.43 -16.68 -1.46
N ARG A 262 9.61 -18.01 -1.44
CA ARG A 262 10.94 -18.63 -1.48
C ARG A 262 11.72 -18.25 -2.73
N GLU A 263 11.02 -18.16 -3.85
CA GLU A 263 11.64 -17.76 -5.11
C GLU A 263 12.16 -16.29 -5.02
N ALA A 264 11.39 -15.39 -4.41
CA ALA A 264 11.80 -13.99 -4.21
C ALA A 264 13.10 -13.91 -3.39
N VAL A 265 13.12 -14.68 -2.32
CA VAL A 265 14.32 -14.81 -1.46
C VAL A 265 15.55 -15.34 -2.21
N LYS A 266 15.36 -16.41 -3.00
CA LYS A 266 16.40 -16.96 -3.86
C LYS A 266 16.98 -15.92 -4.83
N HIS A 267 16.13 -15.00 -5.27
CA HIS A 267 16.51 -13.96 -6.21
C HIS A 267 17.19 -12.76 -5.55
N GLY A 268 17.44 -12.84 -4.24
CA GLY A 268 18.19 -11.80 -3.55
C GLY A 268 17.34 -10.58 -3.18
N LEU A 269 16.03 -10.74 -3.24
CA LEU A 269 15.11 -9.71 -2.77
C LEU A 269 15.14 -9.59 -1.24
N ASN A 270 14.76 -8.42 -0.72
CA ASN A 270 15.01 -8.07 0.67
C ASN A 270 13.73 -8.07 1.51
N GLY A 271 12.62 -8.43 0.88
CA GLY A 271 11.32 -8.41 1.57
C GLY A 271 10.18 -8.90 0.71
N ILE A 272 9.08 -9.28 1.37
CA ILE A 272 7.81 -9.63 0.71
C ILE A 272 6.68 -8.80 1.28
N LEU A 273 5.95 -8.10 0.43
CA LEU A 273 4.70 -7.53 0.84
C LEU A 273 3.58 -8.48 0.38
N VAL A 274 3.10 -9.28 1.33
CA VAL A 274 1.88 -10.10 1.21
C VAL A 274 0.71 -9.18 0.94
N SER A 275 0.21 -9.27 -0.29
CA SER A 275 -0.78 -8.31 -0.79
C SER A 275 -1.61 -9.01 -1.87
N ASN A 276 -2.89 -8.68 -1.89
CA ASN A 276 -3.75 -8.98 -3.05
C ASN A 276 -4.19 -7.69 -3.74
N HIS A 277 -3.36 -6.66 -3.63
CA HIS A 277 -3.54 -5.39 -4.34
C HIS A 277 -4.89 -4.79 -3.88
N GLY A 278 -5.20 -4.90 -2.59
CA GLY A 278 -6.45 -4.40 -2.01
C GLY A 278 -7.65 -5.02 -2.72
N ALA A 279 -7.50 -6.29 -3.10
CA ALA A 279 -8.55 -7.12 -3.69
C ALA A 279 -9.00 -6.59 -5.07
N ARG A 280 -8.08 -5.92 -5.78
CA ARG A 280 -8.42 -5.24 -7.04
C ARG A 280 -7.90 -5.98 -8.28
N GLN A 281 -7.25 -7.12 -8.07
CA GLN A 281 -6.62 -7.83 -9.17
C GLN A 281 -7.41 -9.12 -9.40
N LEU A 282 -6.91 -10.23 -8.89
CA LEU A 282 -7.66 -11.49 -9.02
C LEU A 282 -8.65 -11.64 -7.84
N ASP A 283 -9.93 -11.71 -8.16
CA ASP A 283 -10.93 -11.91 -7.11
C ASP A 283 -11.07 -13.38 -6.75
N GLY A 284 -11.25 -13.64 -5.45
CA GLY A 284 -11.38 -15.01 -4.93
C GLY A 284 -10.09 -15.57 -4.40
N VAL A 285 -9.04 -14.75 -4.40
CA VAL A 285 -7.81 -15.04 -3.64
C VAL A 285 -8.12 -14.86 -2.13
N PRO A 286 -7.32 -15.49 -1.25
CA PRO A 286 -7.66 -15.38 0.19
C PRO A 286 -7.34 -13.99 0.70
N ALA A 287 -7.86 -13.69 1.88
CA ALA A 287 -7.46 -12.46 2.58
C ALA A 287 -5.99 -12.54 2.95
N THR A 288 -5.33 -11.39 2.90
CA THR A 288 -3.90 -11.34 3.17
C THR A 288 -3.52 -11.78 4.58
N ILE A 289 -4.35 -11.45 5.58
CA ILE A 289 -4.11 -11.93 6.95
C ILE A 289 -4.13 -13.45 7.04
N ASP A 290 -4.96 -14.08 6.20
CA ASP A 290 -5.03 -15.53 6.13
C ASP A 290 -3.82 -16.22 5.48
N VAL A 291 -3.20 -15.56 4.51
CA VAL A 291 -2.02 -16.19 3.87
C VAL A 291 -0.69 -15.81 4.53
N LEU A 292 -0.71 -14.72 5.30
CA LEU A 292 0.46 -14.23 5.99
C LEU A 292 1.29 -15.34 6.67
N PRO A 293 0.64 -16.20 7.51
CA PRO A 293 1.41 -17.24 8.22
C PRO A 293 2.19 -18.19 7.30
N GLU A 294 1.57 -18.64 6.19
CA GLU A 294 2.24 -19.53 5.23
C GLU A 294 3.48 -18.82 4.69
N ILE A 295 3.35 -17.53 4.40
CA ILE A 295 4.46 -16.76 3.84
C ILE A 295 5.59 -16.57 4.87
N VAL A 296 5.24 -16.09 6.06
CA VAL A 296 6.22 -15.99 7.16
C VAL A 296 6.98 -17.33 7.35
N GLU A 297 6.25 -18.43 7.37
CA GLU A 297 6.87 -19.76 7.52
C GLU A 297 7.84 -20.11 6.37
N ALA A 298 7.39 -19.87 5.13
CA ALA A 298 8.17 -20.09 3.91
C ALA A 298 9.53 -19.35 3.87
N VAL A 299 9.53 -18.13 4.40
CA VAL A 299 10.66 -17.20 4.30
C VAL A 299 11.77 -17.54 5.32
N GLU A 300 11.39 -18.28 6.36
CA GLU A 300 12.32 -18.73 7.39
C GLU A 300 13.19 -17.61 8.02
N GLY A 301 12.59 -16.45 8.25
CA GLY A 301 13.29 -15.34 8.89
C GLY A 301 14.36 -14.66 8.04
N LYS A 302 14.41 -15.01 6.75
CA LYS A 302 15.50 -14.61 5.85
C LYS A 302 15.29 -13.21 5.32
N VAL A 303 14.04 -12.75 5.34
CA VAL A 303 13.62 -11.51 4.77
C VAL A 303 12.40 -11.01 5.58
N GLU A 304 12.24 -9.68 5.72
CA GLU A 304 11.06 -9.10 6.35
C GLU A 304 9.81 -9.36 5.50
N VAL A 305 8.71 -9.61 6.19
CA VAL A 305 7.42 -9.84 5.52
C VAL A 305 6.47 -8.76 6.01
N PHE A 306 5.82 -8.10 5.06
CA PHE A 306 4.86 -7.04 5.37
C PHE A 306 3.47 -7.50 4.89
N LEU A 307 2.44 -6.77 5.31
CA LEU A 307 1.09 -7.07 4.86
C LEU A 307 0.35 -5.80 4.50
N ASP A 308 -0.52 -5.90 3.51
CA ASP A 308 -1.54 -4.88 3.33
C ASP A 308 -2.85 -5.55 2.93
N GLY A 309 -3.93 -4.78 2.88
CA GLY A 309 -5.23 -5.33 2.51
C GLY A 309 -6.15 -5.47 3.71
N GLY A 310 -7.02 -4.47 3.85
CA GLY A 310 -8.10 -4.52 4.84
C GLY A 310 -7.73 -3.99 6.22
N VAL A 311 -6.53 -3.40 6.35
CA VAL A 311 -6.12 -2.79 7.62
C VAL A 311 -6.96 -1.51 7.87
N ARG A 312 -7.75 -1.52 8.93
CA ARG A 312 -8.67 -0.41 9.25
C ARG A 312 -8.59 0.06 10.71
N LYS A 313 -8.07 -0.80 11.58
CA LYS A 313 -8.13 -0.61 13.04
C LYS A 313 -6.80 -1.00 13.68
N GLY A 314 -6.51 -0.44 14.84
CA GLY A 314 -5.34 -0.83 15.63
C GLY A 314 -5.24 -2.34 15.84
N THR A 315 -6.37 -3.02 16.06
CA THR A 315 -6.28 -4.47 16.35
C THR A 315 -5.87 -5.25 15.08
N ASP A 316 -6.18 -4.70 13.90
CA ASP A 316 -5.72 -5.30 12.63
C ASP A 316 -4.18 -5.32 12.59
N VAL A 317 -3.59 -4.20 12.94
CA VAL A 317 -2.14 -4.05 12.98
C VAL A 317 -1.58 -5.06 13.98
N LEU A 318 -2.18 -5.13 15.18
CA LEU A 318 -1.72 -6.08 16.24
C LEU A 318 -1.72 -7.53 15.74
N LYS A 319 -2.81 -7.92 15.07
CA LYS A 319 -2.94 -9.28 14.55
C LYS A 319 -1.86 -9.61 13.50
N ALA A 320 -1.62 -8.68 12.57
CA ALA A 320 -0.61 -8.92 11.53
C ALA A 320 0.77 -9.08 12.16
N LEU A 321 1.11 -8.23 13.13
CA LEU A 321 2.37 -8.38 13.80
C LEU A 321 2.47 -9.69 14.61
N ALA A 322 1.39 -10.07 15.30
CA ALA A 322 1.35 -11.30 16.08
C ALA A 322 1.66 -12.52 15.15
N LEU A 323 1.18 -12.41 13.91
CA LEU A 323 1.35 -13.48 12.89
C LEU A 323 2.67 -13.38 12.10
N GLY A 324 3.49 -12.40 12.43
CA GLY A 324 4.88 -12.38 11.99
C GLY A 324 5.22 -11.28 11.01
N ALA A 325 4.25 -10.44 10.69
CA ALA A 325 4.54 -9.31 9.81
C ALA A 325 5.37 -8.24 10.55
N LYS A 326 6.31 -7.63 9.83
CA LYS A 326 7.14 -6.58 10.41
C LYS A 326 6.37 -5.26 10.53
N ALA A 327 5.53 -4.99 9.53
CA ALA A 327 4.77 -3.74 9.47
C ALA A 327 3.64 -3.96 8.48
N VAL A 328 2.62 -3.12 8.58
CA VAL A 328 1.54 -3.14 7.61
C VAL A 328 1.48 -1.84 6.81
N PHE A 329 0.88 -1.93 5.64
CA PHE A 329 0.62 -0.75 4.83
C PHE A 329 -0.88 -0.51 4.70
N VAL A 330 -1.25 0.77 4.69
CA VAL A 330 -2.64 1.18 4.45
C VAL A 330 -2.82 1.88 3.10
N GLY A 331 -3.83 1.42 2.34
CA GLY A 331 -4.12 1.99 1.02
C GLY A 331 -5.24 3.00 1.16
N ARG A 332 -6.47 2.48 1.05
CA ARG A 332 -7.67 3.31 1.00
C ARG A 332 -7.86 4.32 2.13
N PRO A 333 -7.58 3.93 3.40
CA PRO A 333 -7.73 4.93 4.48
C PRO A 333 -7.03 6.29 4.23
N ILE A 334 -5.87 6.25 3.57
CA ILE A 334 -5.09 7.44 3.28
C ILE A 334 -5.86 8.33 2.29
N VAL A 335 -6.46 7.70 1.28
CA VAL A 335 -7.18 8.41 0.22
C VAL A 335 -8.41 9.08 0.86
N TRP A 336 -9.10 8.36 1.76
CA TRP A 336 -10.23 8.98 2.47
C TRP A 336 -9.80 10.16 3.37
N GLY A 337 -8.63 10.03 4.03
CA GLY A 337 -8.03 11.15 4.77
C GLY A 337 -7.89 12.38 3.86
N LEU A 338 -7.25 12.16 2.72
CA LEU A 338 -7.08 13.20 1.68
C LEU A 338 -8.41 13.83 1.29
N ALA A 339 -9.40 13.00 1.02
CA ALA A 339 -10.73 13.48 0.64
C ALA A 339 -11.35 14.37 1.71
N PHE A 340 -11.15 14.04 2.98
CA PHE A 340 -11.63 14.88 4.08
C PHE A 340 -10.90 16.23 4.17
N GLN A 341 -9.56 16.22 4.24
CA GLN A 341 -8.83 17.47 4.46
C GLN A 341 -7.37 17.42 4.05
N GLY A 342 -7.09 16.74 2.94
CA GLY A 342 -5.72 16.71 2.40
C GLY A 342 -4.72 16.34 3.47
N GLU A 343 -3.68 17.15 3.64
CA GLU A 343 -2.61 16.79 4.57
C GLU A 343 -3.11 16.47 6.00
N LYS A 344 -3.93 17.39 6.54
CA LYS A 344 -4.48 17.23 7.88
C LYS A 344 -5.33 15.96 8.00
N GLY A 345 -6.13 15.67 6.96
CA GLY A 345 -6.95 14.46 6.90
C GLY A 345 -6.11 13.19 6.97
N VAL A 346 -5.05 13.15 6.18
CA VAL A 346 -4.09 12.02 6.22
C VAL A 346 -3.44 11.87 7.60
N GLN A 347 -2.98 12.99 8.16
CA GLN A 347 -2.41 13.01 9.51
C GLN A 347 -3.41 12.45 10.52
N ASP A 348 -4.66 12.92 10.43
CA ASP A 348 -5.76 12.43 11.30
C ASP A 348 -5.89 10.90 11.21
N VAL A 349 -5.95 10.38 9.98
CA VAL A 349 -6.15 8.95 9.73
C VAL A 349 -4.97 8.17 10.35
N LEU A 350 -3.76 8.65 10.09
CA LEU A 350 -2.56 7.99 10.63
C LEU A 350 -2.53 8.05 12.17
N GLU A 351 -2.92 9.20 12.73
CA GLU A 351 -2.96 9.35 14.19
C GLU A 351 -4.03 8.45 14.85
N ILE A 352 -5.16 8.27 14.15
CA ILE A 352 -6.21 7.39 14.64
C ILE A 352 -5.70 5.95 14.67
N LEU A 353 -5.05 5.54 13.59
CA LEU A 353 -4.46 4.20 13.51
C LEU A 353 -3.40 4.03 14.60
N LYS A 354 -2.57 5.06 14.78
CA LYS A 354 -1.52 5.01 15.79
C LYS A 354 -2.09 4.81 17.21
N GLU A 355 -3.11 5.59 17.53
CA GLU A 355 -3.74 5.55 18.85
C GLU A 355 -4.48 4.24 19.08
N GLU A 356 -5.27 3.81 18.09
CA GLU A 356 -5.93 2.51 18.20
C GLU A 356 -4.90 1.38 18.43
N PHE A 357 -3.78 1.45 17.71
CA PHE A 357 -2.70 0.46 17.86
C PHE A 357 -2.08 0.50 19.25
N ARG A 358 -1.80 1.72 19.75
CA ARG A 358 -1.27 1.88 21.09
C ARG A 358 -2.22 1.21 22.11
N LEU A 359 -3.52 1.49 21.97
CA LEU A 359 -4.46 1.00 22.95
C LEU A 359 -4.56 -0.53 22.84
N ALA A 360 -4.58 -1.04 21.60
CA ALA A 360 -4.65 -2.48 21.34
C ALA A 360 -3.43 -3.15 21.99
N MET A 361 -2.25 -2.55 21.81
CA MET A 361 -1.02 -3.01 22.50
C MET A 361 -1.13 -3.04 24.03
N ALA A 362 -1.51 -1.90 24.60
CA ALA A 362 -1.67 -1.76 26.04
C ALA A 362 -2.67 -2.81 26.56
N LEU A 363 -3.83 -2.95 25.91
CA LEU A 363 -4.85 -3.80 26.50
C LEU A 363 -4.49 -5.27 26.36
N SER A 364 -3.58 -5.56 25.43
CA SER A 364 -3.11 -6.94 25.22
C SER A 364 -1.80 -7.27 26.00
N GLY A 365 -1.28 -6.29 26.74
CA GLY A 365 -0.15 -6.48 27.63
C GLY A 365 1.22 -6.35 26.98
N CYS A 366 1.27 -5.64 25.85
CA CYS A 366 2.47 -5.45 25.02
C CYS A 366 3.07 -4.06 25.21
N GLN A 367 4.26 -4.01 25.80
CA GLN A 367 5.00 -2.76 26.05
C GLN A 367 5.63 -2.17 24.78
N ASN A 368 5.92 -3.03 23.81
CA ASN A 368 6.63 -2.67 22.58
C ASN A 368 6.36 -3.73 21.51
N VAL A 369 6.80 -3.51 20.26
CA VAL A 369 6.46 -4.42 19.17
C VAL A 369 7.19 -5.75 19.24
N LYS A 370 8.32 -5.78 19.96
CA LYS A 370 9.19 -6.97 20.08
C LYS A 370 8.52 -8.10 20.89
N VAL A 371 7.58 -7.72 21.75
CA VAL A 371 6.90 -8.69 22.59
C VAL A 371 5.52 -9.12 22.05
N ILE A 372 5.17 -8.68 20.83
CA ILE A 372 3.92 -9.08 20.18
C ILE A 372 4.08 -10.45 19.53
N ASP A 373 3.64 -11.48 20.24
CA ASP A 373 3.96 -12.86 19.86
C ASP A 373 2.73 -13.59 19.31
N LYS A 374 3.00 -14.75 18.73
CA LYS A 374 1.97 -15.56 18.09
C LYS A 374 0.87 -16.04 19.07
N THR A 375 1.16 -16.19 20.36
CA THR A 375 0.12 -16.66 21.31
C THR A 375 -0.99 -15.65 21.52
N LEU A 376 -0.77 -14.43 21.03
CA LEU A 376 -1.80 -13.38 21.11
C LEU A 376 -2.97 -13.63 20.19
N VAL A 377 -2.81 -14.49 19.17
CA VAL A 377 -3.92 -14.74 18.23
C VAL A 377 -4.24 -16.21 18.00
N ARG A 378 -5.50 -16.48 17.65
CA ARG A 378 -5.96 -17.83 17.27
C ARG A 378 -7.11 -17.67 16.28
N LYS A 379 -7.10 -18.48 15.22
CA LYS A 379 -8.18 -18.38 14.23
C LYS A 379 -9.35 -19.23 14.65
#